data_4BJ0
#
_entry.id   4BJ0
#
_cell.length_a   71.780
_cell.length_b   48.790
_cell.length_c   44.220
_cell.angle_alpha   90.00
_cell.angle_beta   90.00
_cell.angle_gamma   90.00
#
_symmetry.space_group_name_H-M   'P 21 21 2'
#
loop_
_entity.id
_entity.type
_entity.pdbx_description
1 polymer XYLANASE
2 branched alpha-D-xylopyranose-(1-6)-beta-D-glucopyranose-(1-4)-[alpha-D-xylopyranose-(1-6)]beta-D-glucopyranose-(1-4)-[alpha-D-xylopyranose-(1-6)]beta-D-glucopyranose-(1-4)-beta-D-glucopyranose
3 non-polymer 'CALCIUM ION'
4 non-polymer alpha-D-glucopyranose
5 water water
#
_entity_poly.entity_id   1
_entity_poly.type   'polypeptide(L)'
_entity_poly.pdbx_seq_one_letter_code
;LVANINGGFESTPAGVVTDLAEGVEGWDLNVGSSVTNPPVFEVLETSDAPEGNKVLAVTVNGVGNNPFNIQATALPVNVR
PGVTYTYTIRARAEQDGAVVSFTVGNQSFDEYGRLHHQQITTEWQPFTFEFTVSDQETVIRAPIHFGYAANVGNTIYIDG
LAIVDLAALEHHHHHH
;
_entity_poly.pdbx_strand_id   A
#
loop_
_chem_comp.id
_chem_comp.type
_chem_comp.name
_chem_comp.formula
BGC D-saccharide, beta linking beta-D-glucopyranose 'C6 H12 O6'
CA non-polymer 'CALCIUM ION' 'Ca 2'
GLC D-saccharide, alpha linking alpha-D-glucopyranose 'C6 H12 O6'
XYS D-saccharide, alpha linking alpha-D-xylopyranose 'C5 H10 O5'
#
# COMPACT_ATOMS: atom_id res chain seq x y z
N LEU A 1 18.53 -7.24 -0.07
CA LEU A 1 17.57 -7.60 1.00
C LEU A 1 16.46 -6.53 1.01
N VAL A 2 15.26 -7.02 1.12
CA VAL A 2 14.09 -6.19 1.27
CA VAL A 2 14.15 -6.12 1.29
C VAL A 2 13.52 -6.37 2.67
N ALA A 3 13.11 -5.28 3.30
CA ALA A 3 12.64 -5.29 4.66
C ALA A 3 11.22 -5.88 4.82
N ASN A 4 10.42 -5.71 3.76
CA ASN A 4 9.06 -6.13 3.71
C ASN A 4 8.95 -7.41 2.87
N ILE A 5 7.88 -8.16 3.09
CA ILE A 5 7.66 -9.44 2.43
C ILE A 5 6.48 -9.37 1.48
N ASN A 6 6.57 -10.10 0.37
CA ASN A 6 5.47 -10.11 -0.61
C ASN A 6 5.11 -8.71 -1.11
N GLY A 7 6.15 -7.90 -1.32
CA GLY A 7 5.92 -6.53 -1.74
C GLY A 7 5.28 -6.37 -3.08
N GLY A 8 5.36 -7.39 -3.92
CA GLY A 8 4.76 -7.41 -5.24
C GLY A 8 3.63 -8.36 -5.47
N PHE A 9 3.10 -8.91 -4.36
CA PHE A 9 1.91 -9.79 -4.37
C PHE A 9 2.14 -11.11 -5.04
N GLU A 10 3.40 -11.44 -5.38
CA GLU A 10 3.69 -12.66 -6.11
C GLU A 10 3.50 -13.90 -5.29
N SER A 11 3.45 -13.77 -3.95
CA SER A 11 3.22 -14.89 -3.05
C SER A 11 1.80 -15.27 -2.93
N THR A 12 0.86 -14.52 -3.52
CA THR A 12 -0.54 -14.69 -3.26
C THR A 12 -1.27 -15.19 -4.50
N PRO A 13 -2.13 -16.22 -4.37
CA PRO A 13 -2.96 -16.62 -5.51
C PRO A 13 -3.82 -15.47 -6.00
N ALA A 14 -4.09 -15.41 -7.31
CA ALA A 14 -5.00 -14.45 -7.87
C ALA A 14 -6.41 -14.67 -7.31
N GLY A 15 -7.13 -13.57 -7.17
CA GLY A 15 -8.53 -13.59 -6.81
C GLY A 15 -8.92 -12.51 -5.89
N VAL A 16 -10.23 -12.30 -5.72
CA VAL A 16 -10.72 -11.40 -4.71
C VAL A 16 -10.24 -11.87 -3.35
N VAL A 17 -9.75 -10.91 -2.59
CA VAL A 17 -9.31 -11.19 -1.25
C VAL A 17 -10.51 -11.30 -0.31
N THR A 18 -10.70 -12.49 0.19
CA THR A 18 -11.83 -12.77 1.08
C THR A 18 -11.41 -12.86 2.51
N ASP A 19 -10.14 -12.97 2.81
CA ASP A 19 -9.60 -12.91 4.14
C ASP A 19 -8.67 -11.74 4.21
N LEU A 20 -9.20 -10.59 4.62
CA LEU A 20 -8.45 -9.33 4.62
C LEU A 20 -7.29 -9.35 5.59
N ALA A 21 -7.46 -10.05 6.69
CA ALA A 21 -6.52 -10.09 7.75
C ALA A 21 -5.25 -10.90 7.44
N GLU A 22 -5.44 -12.02 6.78
CA GLU A 22 -4.35 -12.98 6.55
C GLU A 22 -4.23 -13.50 5.14
N GLY A 23 -5.19 -13.19 4.26
CA GLY A 23 -5.20 -13.74 2.95
C GLY A 23 -4.11 -13.29 1.98
N VAL A 24 -3.45 -12.17 2.30
CA VAL A 24 -2.33 -11.67 1.51
C VAL A 24 -1.12 -11.66 2.45
N GLU A 25 -0.25 -12.65 2.33
CA GLU A 25 0.92 -12.74 3.18
C GLU A 25 1.72 -11.44 3.07
N GLY A 26 2.21 -10.99 4.24
CA GLY A 26 3.03 -9.75 4.27
C GLY A 26 2.20 -8.47 4.36
N TRP A 27 0.86 -8.58 4.40
CA TRP A 27 0.00 -7.43 4.36
C TRP A 27 -1.23 -7.65 5.27
N ASP A 28 -1.78 -6.53 5.76
CA ASP A 28 -3.04 -6.46 6.48
C ASP A 28 -3.93 -5.50 5.75
N LEU A 29 -5.09 -5.97 5.30
CA LEU A 29 -6.05 -5.20 4.49
C LEU A 29 -7.38 -4.90 5.26
N ASN A 30 -7.39 -5.06 6.58
CA ASN A 30 -8.62 -4.86 7.35
C ASN A 30 -9.24 -3.49 7.11
N VAL A 31 -10.58 -3.50 7.07
CA VAL A 31 -11.38 -2.22 6.82
C VAL A 31 -11.93 -1.71 8.16
N GLY A 32 -11.84 -0.39 8.35
CA GLY A 32 -12.41 0.24 9.54
C GLY A 32 -13.94 0.10 9.59
N SER A 33 -14.48 0.02 10.81
CA SER A 33 -15.91 -0.17 11.00
C SER A 33 -16.79 1.00 10.52
N SER A 34 -16.27 2.25 10.45
CA SER A 34 -17.05 3.44 10.03
C SER A 34 -17.40 3.35 8.52
N VAL A 35 -16.69 2.43 7.77
CA VAL A 35 -16.96 2.24 6.34
C VAL A 35 -18.20 1.39 6.19
N THR A 36 -19.19 1.83 5.46
CA THR A 36 -20.41 1.15 5.30
C THR A 36 -20.62 0.58 3.89
N ASN A 37 -19.85 0.98 2.92
CA ASN A 37 -19.94 0.46 1.61
CA ASN A 37 -19.87 0.37 1.55
C ASN A 37 -18.55 -0.34 1.36
N PRO A 38 -18.49 -1.66 1.48
CA PRO A 38 -17.19 -2.35 1.54
C PRO A 38 -16.34 -2.12 0.28
N PRO A 39 -15.02 -1.93 0.43
CA PRO A 39 -14.14 -1.92 -0.71
C PRO A 39 -13.96 -3.33 -1.26
N VAL A 40 -13.34 -3.44 -2.41
CA VAL A 40 -12.94 -4.72 -2.94
C VAL A 40 -11.43 -4.73 -3.12
N PHE A 41 -10.76 -5.69 -2.51
CA PHE A 41 -9.35 -5.95 -2.72
C PHE A 41 -9.23 -7.18 -3.61
N GLU A 42 -8.40 -7.14 -4.60
CA GLU A 42 -8.23 -8.27 -5.52
C GLU A 42 -6.78 -8.39 -5.96
N VAL A 43 -6.20 -9.56 -5.88
CA VAL A 43 -4.91 -9.81 -6.50
C VAL A 43 -5.20 -10.20 -7.93
N LEU A 44 -4.69 -9.41 -8.86
CA LEU A 44 -4.95 -9.53 -10.29
C LEU A 44 -3.71 -10.02 -10.99
N GLU A 45 -3.87 -11.05 -11.82
CA GLU A 45 -2.84 -11.42 -12.82
CA GLU A 45 -2.84 -11.45 -12.77
C GLU A 45 -3.00 -10.61 -14.04
N THR A 46 -1.97 -9.91 -14.42
CA THR A 46 -2.06 -8.97 -15.51
C THR A 46 -0.74 -8.81 -16.22
N SER A 47 -0.76 -8.67 -17.54
N SER A 47 -0.81 -8.70 -17.56
CA SER A 47 0.47 -8.53 -18.33
CA SER A 47 0.31 -8.28 -18.40
C SER A 47 1.22 -7.20 -18.21
C SER A 47 0.79 -6.93 -17.93
N ASP A 48 0.58 -6.19 -17.62
N ASP A 48 -0.11 -6.15 -17.34
CA ASP A 48 1.17 -4.85 -17.32
CA ASP A 48 0.17 -4.77 -16.99
C ASP A 48 1.69 -4.71 -15.92
C ASP A 48 1.04 -4.68 -15.69
N ALA A 49 1.59 -5.80 -15.13
CA ALA A 49 2.22 -5.76 -13.78
C ALA A 49 3.59 -5.18 -13.87
N PRO A 50 3.90 -4.17 -13.04
CA PRO A 50 5.25 -3.60 -13.06
C PRO A 50 6.33 -4.63 -12.76
N GLU A 51 6.01 -5.58 -11.87
CA GLU A 51 6.97 -6.65 -11.55
C GLU A 51 6.20 -7.90 -11.41
N GLY A 52 6.79 -9.02 -11.83
CA GLY A 52 6.13 -10.28 -11.78
C GLY A 52 4.90 -10.27 -12.65
N ASN A 53 3.91 -11.01 -12.21
CA ASN A 53 2.67 -11.12 -12.95
C ASN A 53 1.41 -10.64 -12.21
N LYS A 54 1.58 -10.20 -10.96
CA LYS A 54 0.42 -9.82 -10.15
C LYS A 54 0.53 -8.41 -9.60
N VAL A 55 -0.62 -7.80 -9.38
CA VAL A 55 -0.76 -6.53 -8.70
C VAL A 55 -1.91 -6.65 -7.69
N LEU A 56 -2.02 -5.68 -6.77
CA LEU A 56 -3.17 -5.57 -5.89
C LEU A 56 -4.06 -4.42 -6.42
N ALA A 57 -5.34 -4.70 -6.59
CA ALA A 57 -6.35 -3.73 -6.97
C ALA A 57 -7.25 -3.43 -5.77
N VAL A 58 -7.50 -2.16 -5.52
CA VAL A 58 -8.34 -1.69 -4.43
C VAL A 58 -9.44 -0.82 -5.02
N THR A 59 -10.67 -1.31 -4.99
CA THR A 59 -11.83 -0.56 -5.44
C THR A 59 -12.49 0.09 -4.24
N VAL A 60 -12.57 1.41 -4.25
CA VAL A 60 -13.12 2.19 -3.14
C VAL A 60 -14.57 2.51 -3.47
N ASN A 61 -15.48 1.96 -2.69
CA ASN A 61 -16.93 2.16 -2.89
C ASN A 61 -17.55 3.13 -1.91
N GLY A 62 -16.81 3.59 -0.97
CA GLY A 62 -17.21 4.48 0.10
C GLY A 62 -16.08 4.66 1.10
N VAL A 63 -16.12 5.75 1.84
CA VAL A 63 -15.13 6.05 2.84
C VAL A 63 -15.74 6.03 4.22
N GLY A 64 -14.84 6.08 5.22
CA GLY A 64 -15.17 6.24 6.63
C GLY A 64 -14.58 7.51 7.25
N ASN A 65 -14.51 7.42 8.57
CA ASN A 65 -14.10 8.59 9.35
C ASN A 65 -12.70 9.09 9.12
N ASN A 66 -11.78 8.20 8.74
CA ASN A 66 -10.42 8.59 8.50
C ASN A 66 -9.95 7.92 7.24
N PRO A 67 -8.99 8.50 6.51
CA PRO A 67 -8.52 7.83 5.27
C PRO A 67 -7.83 6.53 5.48
N PHE A 68 -7.34 6.26 6.70
CA PHE A 68 -6.73 5.00 7.01
C PHE A 68 -7.73 3.85 7.16
N ASN A 69 -9.03 4.14 7.09
CA ASN A 69 -10.02 3.06 7.21
C ASN A 69 -10.06 2.12 5.99
N ILE A 70 -9.55 2.55 4.87
CA ILE A 70 -9.35 1.67 3.69
CA ILE A 70 -9.37 1.67 3.70
C ILE A 70 -7.85 1.69 3.46
N GLN A 71 -7.19 0.57 3.57
CA GLN A 71 -5.74 0.59 3.78
C GLN A 71 -5.17 -0.75 3.40
N ALA A 72 -3.88 -0.72 3.07
CA ALA A 72 -3.08 -1.93 2.97
C ALA A 72 -1.79 -1.65 3.71
N THR A 73 -1.51 -2.42 4.77
CA THR A 73 -0.33 -2.22 5.57
C THR A 73 0.63 -3.39 5.38
N ALA A 74 1.86 -3.11 4.97
CA ALA A 74 2.87 -4.17 4.92
C ALA A 74 3.34 -4.46 6.35
N LEU A 75 3.38 -5.73 6.71
CA LEU A 75 3.87 -6.13 8.01
C LEU A 75 4.24 -7.61 7.96
N PRO A 76 5.25 -8.03 8.69
CA PRO A 76 6.23 -7.21 9.36
C PRO A 76 7.16 -6.52 8.34
N VAL A 77 7.73 -5.41 8.76
CA VAL A 77 8.81 -4.74 8.05
C VAL A 77 9.99 -4.75 9.00
N ASN A 78 11.02 -5.54 8.65
CA ASN A 78 12.13 -5.81 9.57
C ASN A 78 13.25 -4.82 9.31
N VAL A 79 13.58 -4.01 10.31
CA VAL A 79 14.46 -2.87 10.17
C VAL A 79 15.44 -2.83 11.34
N ARG A 80 16.32 -1.82 11.26
CA ARG A 80 17.32 -1.57 12.29
C ARG A 80 17.30 -0.10 12.67
N PRO A 81 17.32 0.20 13.97
CA PRO A 81 17.41 1.60 14.43
C PRO A 81 18.54 2.31 13.80
N GLY A 82 18.25 3.55 13.39
CA GLY A 82 19.25 4.46 12.78
C GLY A 82 19.36 4.39 11.30
N VAL A 83 18.98 3.28 10.70
CA VAL A 83 19.17 3.10 9.28
C VAL A 83 18.19 3.95 8.49
N THR A 84 18.65 4.55 7.38
CA THR A 84 17.79 5.23 6.46
C THR A 84 17.46 4.24 5.31
N TYR A 85 16.17 4.08 5.09
CA TYR A 85 15.65 3.22 4.04
C TYR A 85 15.08 4.06 2.92
N THR A 86 15.17 3.48 1.71
CA THR A 86 14.43 3.98 0.57
C THR A 86 13.17 3.14 0.44
N TYR A 87 12.05 3.81 0.40
CA TYR A 87 10.73 3.22 0.10
C TYR A 87 10.45 3.49 -1.35
N THR A 88 10.08 2.47 -2.10
CA THR A 88 9.57 2.66 -3.45
C THR A 88 8.37 1.77 -3.65
N ILE A 89 7.40 2.23 -4.40
CA ILE A 89 6.24 1.45 -4.78
C ILE A 89 5.75 1.97 -6.13
N ARG A 90 5.03 1.15 -6.87
CA ARG A 90 4.37 1.61 -8.08
CA ARG A 90 4.38 1.59 -8.11
C ARG A 90 2.88 1.67 -7.86
N ALA A 91 2.23 2.72 -8.44
CA ALA A 91 0.78 2.86 -8.32
C ALA A 91 0.22 3.48 -9.57
N ARG A 92 -1.00 3.14 -9.87
CA ARG A 92 -1.81 3.84 -10.85
CA ARG A 92 -1.81 3.70 -10.96
C ARG A 92 -3.28 3.63 -10.52
N ALA A 93 -4.16 4.26 -11.27
CA ALA A 93 -5.59 4.20 -11.00
C ALA A 93 -6.35 4.05 -12.31
N GLU A 94 -7.58 3.56 -12.19
CA GLU A 94 -8.44 3.42 -13.36
C GLU A 94 -8.77 4.75 -13.98
N GLN A 95 -9.03 5.74 -13.15
CA GLN A 95 -9.30 7.12 -13.54
CA GLN A 95 -9.30 7.14 -13.55
C GLN A 95 -8.31 8.09 -12.87
N ASP A 96 -7.81 9.09 -13.61
CA ASP A 96 -6.92 10.08 -13.02
CA ASP A 96 -6.94 10.07 -13.07
C ASP A 96 -7.66 10.75 -11.84
N GLY A 97 -7.10 11.37 -10.80
N GLY A 97 -6.75 11.02 -10.89
CA GLY A 97 -7.95 12.01 -9.71
CA GLY A 97 -7.00 11.90 -9.73
C GLY A 97 -7.87 11.17 -8.42
C GLY A 97 -7.47 11.24 -8.42
N ALA A 98 -7.20 9.98 -8.42
CA ALA A 98 -7.07 9.24 -7.17
C ALA A 98 -5.98 9.84 -6.29
N VAL A 99 -6.12 9.55 -5.00
CA VAL A 99 -5.25 10.10 -3.97
C VAL A 99 -4.80 8.94 -3.04
N VAL A 100 -3.51 8.86 -2.77
CA VAL A 100 -3.01 7.84 -1.83
C VAL A 100 -1.95 8.47 -0.95
N SER A 101 -1.92 8.09 0.31
CA SER A 101 -0.78 8.40 1.17
C SER A 101 0.00 7.11 1.46
N PHE A 102 1.31 7.19 1.28
CA PHE A 102 2.22 6.07 1.46
C PHE A 102 3.02 6.33 2.73
N THR A 103 2.83 5.53 3.77
CA THR A 103 3.39 5.88 5.09
C THR A 103 4.20 4.69 5.63
N VAL A 104 5.07 5.01 6.60
CA VAL A 104 5.77 3.99 7.38
CA VAL A 104 5.80 4.00 7.38
C VAL A 104 5.76 4.43 8.84
N GLY A 105 5.59 3.48 9.74
CA GLY A 105 5.51 3.81 11.13
C GLY A 105 5.72 2.57 12.00
N ASN A 106 5.68 2.80 13.30
CA ASN A 106 5.89 1.72 14.26
C ASN A 106 4.55 1.14 14.71
N GLN A 107 4.63 0.13 15.59
CA GLN A 107 3.43 -0.59 16.04
C GLN A 107 2.62 0.19 17.00
N SER A 108 3.09 1.36 17.45
CA SER A 108 2.47 2.53 18.25
CA SER A 108 2.20 2.21 18.17
C SER A 108 1.76 3.48 17.34
N PHE A 109 1.91 3.35 16.04
CA PHE A 109 1.34 4.26 15.05
C PHE A 109 2.09 5.56 14.86
N ASP A 110 3.27 5.69 15.48
CA ASP A 110 4.11 6.85 15.18
C ASP A 110 4.77 6.67 13.81
N GLU A 111 4.74 7.71 12.98
CA GLU A 111 5.28 7.63 11.66
C GLU A 111 6.72 8.07 11.66
N TYR A 112 7.48 7.41 10.80
CA TYR A 112 8.88 7.75 10.43
C TYR A 112 8.92 8.64 9.20
N GLY A 113 7.91 8.58 8.36
CA GLY A 113 7.87 9.37 7.13
C GLY A 113 6.67 8.99 6.30
N ARG A 114 6.41 9.80 5.30
CA ARG A 114 5.32 9.52 4.35
C ARG A 114 5.55 10.30 3.09
N LEU A 115 4.86 9.84 2.04
CA LEU A 115 4.48 10.67 0.90
C LEU A 115 2.98 10.96 1.06
N HIS A 116 2.67 12.20 1.34
CA HIS A 116 1.32 12.60 1.72
C HIS A 116 0.45 12.93 0.49
N HIS A 117 -0.77 12.38 0.48
CA HIS A 117 -1.79 12.85 -0.42
C HIS A 117 -1.30 13.00 -1.86
N GLN A 118 -0.75 11.89 -2.38
CA GLN A 118 -0.19 11.85 -3.71
C GLN A 118 -1.27 11.66 -4.76
N GLN A 119 -1.16 12.40 -5.85
CA GLN A 119 -2.03 12.20 -7.02
C GLN A 119 -1.58 11.00 -7.77
N ILE A 120 -2.50 10.11 -8.08
CA ILE A 120 -2.27 8.92 -8.78
C ILE A 120 -2.90 9.07 -10.21
N THR A 121 -2.14 8.72 -11.26
CA THR A 121 -2.59 8.84 -12.60
C THR A 121 -3.01 7.51 -13.17
N THR A 122 -3.45 7.51 -14.42
CA THR A 122 -3.79 6.26 -15.07
C THR A 122 -2.58 5.42 -15.54
N GLU A 123 -1.36 5.95 -15.46
CA GLU A 123 -0.18 5.26 -15.82
C GLU A 123 0.62 4.90 -14.57
N TRP A 124 1.29 3.78 -14.60
CA TRP A 124 2.14 3.42 -13.46
C TRP A 124 3.18 4.52 -13.18
N GLN A 125 3.40 4.85 -11.93
CA GLN A 125 4.48 5.70 -11.52
CA GLN A 125 4.52 5.68 -11.55
C GLN A 125 5.12 5.10 -10.28
N PRO A 126 6.44 5.30 -10.14
CA PRO A 126 7.11 5.01 -8.90
C PRO A 126 6.91 6.15 -7.93
N PHE A 127 6.56 5.87 -6.74
CA PHE A 127 6.49 6.79 -5.63
C PHE A 127 7.55 6.41 -4.65
N THR A 128 8.43 7.32 -4.30
CA THR A 128 9.59 6.98 -3.47
C THR A 128 9.90 8.07 -2.47
N PHE A 129 10.38 7.65 -1.31
CA PHE A 129 10.87 8.59 -0.30
C PHE A 129 11.86 7.87 0.58
N GLU A 130 12.62 8.62 1.36
CA GLU A 130 13.53 8.07 2.35
C GLU A 130 12.99 8.32 3.73
N PHE A 131 13.28 7.39 4.63
CA PHE A 131 12.96 7.59 6.02
C PHE A 131 14.03 6.93 6.90
N THR A 132 14.18 7.45 8.11
CA THR A 132 15.10 6.89 9.07
C THR A 132 14.35 6.26 10.20
N VAL A 133 14.75 5.05 10.61
CA VAL A 133 14.18 4.41 11.78
C VAL A 133 14.72 5.16 13.01
N SER A 134 13.93 6.06 13.57
CA SER A 134 14.57 6.92 14.52
CA SER A 134 14.29 7.06 14.54
C SER A 134 14.46 6.49 15.97
N ASP A 135 13.79 5.39 16.26
CA ASP A 135 13.69 4.85 17.61
C ASP A 135 14.29 3.45 17.67
N GLN A 136 14.04 2.72 18.74
CA GLN A 136 14.61 1.42 18.98
C GLN A 136 13.89 0.23 18.26
N GLU A 137 12.92 0.51 17.46
CA GLU A 137 12.10 -0.54 16.89
C GLU A 137 12.87 -1.28 15.81
N THR A 138 12.57 -2.59 15.75
CA THR A 138 13.08 -3.48 14.76
C THR A 138 12.01 -4.14 13.89
N VAL A 139 10.74 -4.06 14.27
CA VAL A 139 9.63 -4.64 13.54
C VAL A 139 8.59 -3.50 13.38
N ILE A 140 8.47 -2.99 12.18
CA ILE A 140 7.64 -1.82 11.91
C ILE A 140 6.58 -2.19 10.86
N ARG A 141 5.92 -1.17 10.32
CA ARG A 141 4.78 -1.30 9.47
CA ARG A 141 4.73 -1.29 9.47
C ARG A 141 4.83 -0.30 8.33
N ALA A 142 4.16 -0.61 7.22
CA ALA A 142 4.09 0.35 6.11
C ALA A 142 2.64 0.55 5.66
N PRO A 143 1.89 1.42 6.35
CA PRO A 143 0.48 1.65 6.01
C PRO A 143 0.30 2.51 4.76
N ILE A 144 -0.45 1.99 3.79
CA ILE A 144 -0.90 2.72 2.63
C ILE A 144 -2.36 3.07 2.85
N HIS A 145 -2.72 4.35 2.68
CA HIS A 145 -4.08 4.82 2.95
C HIS A 145 -4.79 5.19 1.64
N PHE A 146 -5.95 4.55 1.42
CA PHE A 146 -6.78 4.72 0.22
C PHE A 146 -8.11 5.38 0.51
N GLY A 147 -8.49 5.58 1.77
CA GLY A 147 -9.85 5.96 2.10
C GLY A 147 -10.18 7.43 2.00
N TYR A 148 -9.73 8.05 0.93
CA TYR A 148 -10.05 9.45 0.62
C TYR A 148 -11.31 9.50 -0.23
N ALA A 149 -12.17 10.46 0.07
CA ALA A 149 -13.45 10.53 -0.65
C ALA A 149 -13.24 10.73 -2.16
N ALA A 150 -12.15 11.36 -2.56
CA ALA A 150 -11.84 11.52 -3.97
C ALA A 150 -11.74 10.18 -4.70
N ASN A 151 -11.50 9.08 -4.00
CA ASN A 151 -11.32 7.80 -4.60
C ASN A 151 -12.60 6.99 -4.85
N VAL A 152 -13.75 7.47 -4.29
CA VAL A 152 -14.96 6.70 -4.41
C VAL A 152 -15.34 6.57 -5.89
N GLY A 153 -15.55 5.34 -6.31
CA GLY A 153 -15.81 5.05 -7.68
C GLY A 153 -14.61 4.67 -8.50
N ASN A 154 -13.42 4.74 -7.91
CA ASN A 154 -12.17 4.43 -8.59
C ASN A 154 -11.60 3.14 -8.08
N THR A 155 -10.61 2.65 -8.82
CA THR A 155 -9.81 1.48 -8.47
C THR A 155 -8.35 1.91 -8.57
N ILE A 156 -7.62 1.65 -7.47
CA ILE A 156 -6.18 1.95 -7.36
CA ILE A 156 -6.21 1.94 -7.38
C ILE A 156 -5.44 0.64 -7.43
N TYR A 157 -4.38 0.60 -8.20
CA TYR A 157 -3.55 -0.59 -8.35
C TYR A 157 -2.17 -0.27 -7.78
N ILE A 158 -1.62 -1.21 -6.99
CA ILE A 158 -0.29 -1.08 -6.45
C ILE A 158 0.52 -2.31 -6.75
N ASP A 159 1.84 -2.13 -6.84
CA ASP A 159 2.78 -3.24 -7.02
C ASP A 159 4.15 -2.81 -6.61
N GLY A 160 4.99 -3.79 -6.30
CA GLY A 160 6.40 -3.53 -6.18
C GLY A 160 6.83 -2.70 -4.99
N LEU A 161 6.23 -2.89 -3.83
CA LEU A 161 6.74 -2.23 -2.63
C LEU A 161 8.10 -2.81 -2.29
N ALA A 162 9.10 -1.96 -2.17
CA ALA A 162 10.42 -2.39 -1.74
C ALA A 162 10.98 -1.35 -0.78
N ILE A 163 11.28 -1.79 0.44
CA ILE A 163 11.87 -0.96 1.49
C ILE A 163 13.28 -1.50 1.72
N VAL A 164 14.30 -0.73 1.36
CA VAL A 164 15.68 -1.20 1.15
CA VAL A 164 15.65 -1.28 1.33
C VAL A 164 16.62 -0.22 1.90
N ASP A 165 17.65 -0.67 2.56
CA ASP A 165 18.68 0.26 3.18
C ASP A 165 19.28 1.25 2.12
N LEU A 166 19.20 2.63 2.31
CA LEU A 166 19.81 3.59 1.41
C LEU A 166 21.28 3.30 1.13
N ALA A 167 21.96 2.73 2.08
C2 BGC B . -1.46 14.58 7.74
C3 BGC B . -1.43 13.90 9.10
C4 BGC B . -0.17 13.15 9.36
C5 BGC B . 1.03 14.04 9.12
C6 BGC B . 2.24 13.26 9.11
C1 BGC B . -0.25 15.37 7.58
O1 BGC B . -0.11 16.42 6.66
O2 BGC B . -2.65 15.24 7.49
O3 BGC B . -2.58 13.01 9.18
O4 BGC B . -0.18 12.59 10.70
O5 BGC B . 0.90 14.64 7.81
O6 BGC B . 3.36 14.03 8.94
C2 BGC B . 0.18 10.79 12.22
C3 BGC B . 0.07 9.26 12.33
C4 BGC B . -1.31 8.82 11.88
C5 BGC B . -1.62 9.33 10.48
C6 BGC B . -2.98 8.97 9.92
C1 BGC B . -0.19 11.21 10.79
O2 BGC B . 1.50 11.23 12.48
O3 BGC B . 0.33 8.91 13.67
O4 BGC B . -1.26 7.37 11.86
O5 BGC B . -1.53 10.74 10.53
O6 BGC B . -3.03 9.53 8.63
C2 BGC B . -2.43 5.35 11.70
C3 BGC B . -3.75 4.64 12.17
C4 BGC B . -3.92 4.80 13.67
C5 BGC B . -3.64 6.22 14.18
C6 BGC B . -3.56 6.23 15.70
C1 BGC B . -2.44 6.74 12.28
O2 BGC B . -2.40 5.33 10.31
O3 BGC B . -3.69 3.31 11.79
O4 BGC B . -5.29 4.51 14.03
O5 BGC B . -2.41 6.69 13.68
O6 BGC B . -3.46 7.55 16.09
C2 BGC B . -6.89 3.36 15.32
C3 BGC B . -7.37 1.99 15.71
C4 BGC B . -7.53 1.10 14.48
C5 BGC B . -6.23 1.09 13.71
C6 BGC B . -6.34 0.28 12.43
C1 BGC B . -5.58 3.23 14.50
O2 BGC B . -6.63 4.13 16.50
O3 BGC B . -8.62 2.02 16.38
O4 BGC B . -7.87 -0.23 14.86
O5 BGC B . -5.84 2.41 13.36
O6 BGC B . -5.03 0.15 11.89
C1 XYS B . -4.97 -0.58 10.68
C2 XYS B . -3.52 -0.79 10.34
C3 XYS B . -2.84 0.56 10.13
C4 XYS B . -3.63 1.37 9.11
C5 XYS B . -5.12 1.40 9.45
O2 XYS B . -2.88 -1.48 11.42
O3 XYS B . -1.51 0.38 9.69
O4 XYS B . -3.14 2.73 8.99
O5 XYS B . -5.65 0.11 9.66
C1 XYS B . -2.90 7.73 17.45
C2 XYS B . -2.94 9.19 17.74
C3 XYS B . -1.96 9.95 16.87
C4 XYS B . -0.61 9.34 17.05
C5 XYS B . -0.65 7.82 16.75
O2 XYS B . -4.29 9.63 17.57
O3 XYS B . -1.95 11.26 17.27
O4 XYS B . 0.33 9.91 16.19
O5 XYS B . -1.60 7.24 17.61
C1 XYS B . -4.22 9.24 7.93
C2 XYS B . -4.14 9.86 6.55
C3 XYS B . -4.16 11.38 6.62
C4 XYS B . -5.30 11.85 7.49
C5 XYS B . -5.40 11.10 8.79
O2 XYS B . -2.95 9.47 5.88
O3 XYS B . -4.25 11.86 5.30
O4 XYS B . -5.19 13.25 7.72
O5 XYS B . -5.39 9.68 8.60
CA CA C . 3.90 -7.90 -8.80
C1 GLC D . -0.25 15.37 7.58
C2 GLC D . -1.46 14.58 7.74
C3 GLC D . -1.43 13.90 9.10
C4 GLC D . -0.17 13.15 9.36
C5 GLC D . 1.03 14.04 9.12
C6 GLC D . 2.24 13.26 9.11
O1 GLC D . -0.27 16.43 8.18
O2 GLC D . -2.65 15.24 7.49
O3 GLC D . -2.58 13.01 9.18
O4 GLC D . -0.18 12.59 10.70
O5 GLC D . 0.90 14.64 7.81
O6 GLC D . 3.36 14.03 8.94
#